data_9HC0
#
_entry.id   9HC0
#
_cell.length_a   143.221
_cell.length_b   43.363
_cell.length_c   82.642
_cell.angle_alpha   90.000
_cell.angle_beta   99.860
_cell.angle_gamma   90.000
#
_symmetry.space_group_name_H-M   'C 1 2 1'
#
loop_
_entity.id
_entity.type
_entity.pdbx_description
1 polymer 'Metabotropic glutamate receptor 5,Endolysin'
2 non-polymer 'OLEIC ACID'
3 non-polymer 2-chloranyl-~{N}-[2-methoxy-4-[(~{E})-pyridin-2-yldiazenyl]phenyl]benzamide
4 water water
#
_entity_poly.entity_id   1
_entity_poly.type   'polypeptide(L)'
_entity_poly.pdbx_seq_one_letter_code
;AASPVQYLRWGDPAPIAAVVFACLGLLATLFVTVVFIIYRDTPVVKSSSRELCYIILAGICLGYLCTF(YCM)LIAKPKQ
IYCYLQRIGIGLSPAMSYSALVTKTYRAARILAMSKKNIFEMLRIDEGLRLKIYKDTEGYYTIGIGHLLTKSPSLNAAKS
ELDKAIGRNTNGVITKDEAEKLFNQDVDAAVRGILRNAKLKPVYDSLDAVRRAALINMVFQMGETGVAGFTNSLRMLQQK
RWDEAAVNLAKSRWYNQTPNRAKRVITTFRTGTWDAYKICTKKPRFMSA(YCM)AQLVIAFILICIQLGIIVALFIMEPP
DIMHDYPSIREVYLICNTTNLGVVAPLGYNGLLILACTFYAFKTRNVPANFNEAKYIAFTMYTTCIIWLAFVPIYFGSNY
KIITMCFSVSLSATVALGCMFVPKVYIILAKPERNVRSAAAAHHHHHHHHHH
;
_entity_poly.pdbx_strand_id   A
#
# COMPACT_ATOMS: atom_id res chain seq x y z
N SER A 3 8.25 -41.89 -0.43
CA SER A 3 9.28 -41.32 -1.31
C SER A 3 8.64 -40.71 -2.56
N PRO A 4 8.85 -39.40 -2.79
CA PRO A 4 8.27 -38.78 -3.98
C PRO A 4 8.83 -39.33 -5.28
N VAL A 5 10.09 -39.78 -5.28
CA VAL A 5 10.66 -40.34 -6.51
C VAL A 5 9.96 -41.64 -6.87
N GLN A 6 9.63 -42.47 -5.87
CA GLN A 6 8.95 -43.73 -6.15
C GLN A 6 7.57 -43.50 -6.75
N TYR A 7 6.83 -42.51 -6.23
CA TYR A 7 5.54 -42.17 -6.83
C TYR A 7 5.70 -41.72 -8.27
N LEU A 8 6.79 -40.98 -8.57
CA LEU A 8 7.07 -40.62 -9.96
C LEU A 8 7.29 -41.86 -10.83
N ARG A 9 7.98 -42.87 -10.29
CA ARG A 9 8.18 -44.09 -11.08
C ARG A 9 6.88 -44.87 -11.24
N TRP A 10 5.97 -44.78 -10.27
CA TRP A 10 4.71 -45.52 -10.32
C TRP A 10 3.63 -44.84 -11.17
N GLY A 11 3.87 -43.63 -11.64
CA GLY A 11 2.92 -42.91 -12.45
C GLY A 11 2.26 -41.70 -11.81
N ASP A 12 2.85 -41.14 -10.75
CA ASP A 12 2.29 -40.00 -10.04
C ASP A 12 3.37 -38.95 -9.89
N PRO A 13 3.45 -37.98 -10.80
CA PRO A 13 4.47 -36.92 -10.69
C PRO A 13 4.10 -35.78 -9.75
N ALA A 14 2.94 -35.84 -9.08
CA ALA A 14 2.55 -34.73 -8.23
C ALA A 14 3.46 -34.56 -7.02
N PRO A 15 3.84 -35.63 -6.28
CA PRO A 15 4.73 -35.41 -5.12
C PRO A 15 6.08 -34.84 -5.48
N ILE A 16 6.69 -35.31 -6.57
CA ILE A 16 8.01 -34.81 -6.95
C ILE A 16 7.91 -33.37 -7.48
N ALA A 17 6.78 -32.99 -8.07
CA ALA A 17 6.62 -31.61 -8.53
C ALA A 17 6.55 -30.66 -7.34
N ALA A 18 5.74 -30.99 -6.34
CA ALA A 18 5.57 -30.12 -5.18
C ALA A 18 6.85 -29.95 -4.38
N VAL A 19 7.74 -30.95 -4.40
CA VAL A 19 9.02 -30.83 -3.71
C VAL A 19 9.96 -29.93 -4.49
N VAL A 20 9.94 -30.04 -5.82
CA VAL A 20 10.79 -29.17 -6.64
C VAL A 20 10.34 -27.72 -6.53
N PHE A 21 9.01 -27.50 -6.56
CA PHE A 21 8.48 -26.16 -6.33
C PHE A 21 9.01 -25.57 -5.02
N ALA A 22 9.00 -26.37 -3.94
CA ALA A 22 9.42 -25.87 -2.64
C ALA A 22 10.93 -25.63 -2.59
N CYS A 23 11.72 -26.51 -3.21
CA CYS A 23 13.18 -26.36 -3.18
C CYS A 23 13.63 -25.12 -3.94
N LEU A 24 13.13 -24.96 -5.18
CA LEU A 24 13.42 -23.75 -5.93
C LEU A 24 12.99 -22.51 -5.15
N GLY A 25 11.85 -22.59 -4.45
CA GLY A 25 11.38 -21.46 -3.67
C GLY A 25 12.28 -21.13 -2.50
N LEU A 26 12.79 -22.16 -1.82
CA LEU A 26 13.75 -21.91 -0.74
C LEU A 26 15.04 -21.32 -1.27
N LEU A 27 15.51 -21.82 -2.41
CA LEU A 27 16.70 -21.25 -3.05
C LEU A 27 16.51 -19.77 -3.34
N ALA A 28 15.42 -19.43 -4.05
CA ALA A 28 15.14 -18.04 -4.35
C ALA A 28 15.03 -17.20 -3.09
N THR A 29 14.30 -17.69 -2.08
CA THR A 29 14.16 -16.95 -0.83
C THR A 29 15.49 -16.78 -0.13
N LEU A 30 16.37 -17.78 -0.22
CA LEU A 30 17.71 -17.65 0.34
C LEU A 30 18.52 -16.64 -0.46
N PHE A 31 18.38 -16.67 -1.79
CA PHE A 31 19.10 -15.72 -2.62
C PHE A 31 18.64 -14.29 -2.33
N VAL A 32 17.33 -14.05 -2.32
CA VAL A 32 16.81 -12.72 -2.06
C VAL A 32 17.25 -12.22 -0.69
N THR A 33 17.26 -13.11 0.31
CA THR A 33 17.62 -12.69 1.66
C THR A 33 19.07 -12.24 1.75
N VAL A 34 19.99 -13.04 1.21
CA VAL A 34 21.41 -12.71 1.27
C VAL A 34 21.70 -11.46 0.47
N VAL A 35 20.99 -11.25 -0.65
CA VAL A 35 21.14 -10.02 -1.41
C VAL A 35 20.78 -8.81 -0.56
N PHE A 36 19.67 -8.92 0.18
CA PHE A 36 19.24 -7.80 1.02
C PHE A 36 20.16 -7.59 2.21
N ILE A 37 20.76 -8.66 2.74
CA ILE A 37 21.73 -8.50 3.81
C ILE A 37 22.98 -7.80 3.30
N ILE A 38 23.50 -8.25 2.16
CA ILE A 38 24.74 -7.69 1.61
C ILE A 38 24.56 -6.21 1.29
N TYR A 39 23.49 -5.88 0.60
CA TYR A 39 23.23 -4.50 0.17
C TYR A 39 22.21 -3.82 1.08
N ARG A 40 22.39 -3.97 2.39
CA ARG A 40 21.45 -3.38 3.34
C ARG A 40 21.64 -1.87 3.45
N ASP A 41 22.85 -1.37 3.21
CA ASP A 41 23.12 0.06 3.35
C ASP A 41 22.62 0.87 2.15
N THR A 42 22.32 0.23 1.02
CA THR A 42 21.94 0.94 -0.18
C THR A 42 20.55 1.56 -0.03
N PRO A 43 20.27 2.64 -0.77
CA PRO A 43 18.98 3.33 -0.60
C PRO A 43 17.77 2.50 -1.02
N VAL A 44 17.95 1.43 -1.79
CA VAL A 44 16.80 0.62 -2.19
C VAL A 44 16.37 -0.33 -1.08
N VAL A 45 17.26 -0.63 -0.12
CA VAL A 45 16.92 -1.49 0.99
C VAL A 45 16.73 -0.71 2.29
N LYS A 46 17.51 0.35 2.51
CA LYS A 46 17.43 1.11 3.75
C LYS A 46 16.25 2.07 3.80
N SER A 47 15.67 2.43 2.66
CA SER A 47 14.53 3.36 2.67
C SER A 47 13.23 2.68 3.10
N SER A 48 13.20 1.36 3.23
CA SER A 48 12.03 0.65 3.67
C SER A 48 12.32 0.00 5.03
N SER A 49 11.38 -0.81 5.52
CA SER A 49 11.54 -1.48 6.80
C SER A 49 12.30 -2.77 6.56
N ARG A 50 13.63 -2.72 6.74
CA ARG A 50 14.43 -3.93 6.57
C ARG A 50 14.02 -5.02 7.55
N GLU A 51 13.59 -4.63 8.75
CA GLU A 51 13.24 -5.60 9.77
C GLU A 51 11.95 -6.33 9.43
N LEU A 52 10.97 -5.60 8.88
CA LEU A 52 9.73 -6.24 8.46
C LEU A 52 9.94 -7.12 7.23
N CYS A 53 10.88 -6.75 6.36
CA CYS A 53 11.14 -7.60 5.20
C CYS A 53 11.69 -8.95 5.62
N TYR A 54 12.56 -8.97 6.63
CA TYR A 54 13.04 -10.25 7.14
C TYR A 54 11.89 -11.10 7.65
N ILE A 55 10.89 -10.47 8.28
CA ILE A 55 9.70 -11.21 8.70
C ILE A 55 8.93 -11.71 7.48
N ILE A 56 8.79 -10.86 6.46
CA ILE A 56 8.08 -11.27 5.25
C ILE A 56 8.81 -12.41 4.55
N LEU A 57 10.15 -12.37 4.55
CA LEU A 57 10.90 -13.43 3.90
C LEU A 57 10.86 -14.72 4.72
N ALA A 58 10.83 -14.62 6.05
CA ALA A 58 10.68 -15.81 6.87
C ALA A 58 9.36 -16.51 6.59
N GLY A 59 8.28 -15.74 6.49
CA GLY A 59 6.99 -16.33 6.17
C GLY A 59 6.98 -17.01 4.81
N ILE A 60 7.67 -16.43 3.83
CA ILE A 60 7.73 -17.05 2.51
C ILE A 60 8.51 -18.36 2.58
N CYS A 61 9.70 -18.30 3.20
CA CYS A 61 10.51 -19.48 3.40
C CYS A 61 9.73 -20.58 4.13
N LEU A 62 9.08 -20.21 5.24
CA LEU A 62 8.30 -21.17 6.01
C LEU A 62 7.13 -21.73 5.20
N GLY A 63 6.57 -20.92 4.29
CA GLY A 63 5.53 -21.42 3.42
C GLY A 63 6.01 -22.51 2.49
N TYR A 64 7.23 -22.37 1.95
CA TYR A 64 7.79 -23.43 1.14
C TYR A 64 8.11 -24.66 1.99
N LEU A 65 8.47 -24.48 3.27
CA LEU A 65 8.76 -25.62 4.11
C LEU A 65 7.53 -26.45 4.45
N CYS A 66 6.32 -25.90 4.28
CA CYS A 66 5.13 -26.68 4.58
C CYS A 66 5.04 -27.93 3.71
N THR A 67 5.60 -27.87 2.50
CA THR A 67 5.55 -29.05 1.64
C THR A 67 6.24 -30.24 2.29
N PHE A 68 7.25 -29.99 3.12
CA PHE A 68 7.99 -31.07 3.75
C PHE A 68 7.31 -31.62 5.00
N LEU A 70 3.65 -31.77 4.68
CA LEU A 70 2.49 -32.30 3.96
C LEU A 70 2.89 -33.57 3.19
N ILE A 71 4.12 -33.55 2.66
CA ILE A 71 4.71 -34.68 1.96
C ILE A 71 5.87 -35.21 2.80
N ALA A 72 5.55 -36.01 3.82
CA ALA A 72 6.54 -36.45 4.77
C ALA A 72 6.19 -37.85 5.25
N LYS A 73 7.06 -38.39 6.11
CA LYS A 73 6.89 -39.69 6.76
C LYS A 73 5.90 -39.59 7.92
N PRO A 74 5.12 -40.64 8.16
CA PRO A 74 4.07 -40.57 9.19
C PRO A 74 4.60 -40.46 10.60
N LYS A 75 4.70 -39.23 11.10
CA LYS A 75 5.08 -38.94 12.48
C LYS A 75 4.17 -37.85 13.02
N GLN A 76 3.80 -37.96 14.29
CA GLN A 76 2.78 -37.07 14.83
C GLN A 76 3.20 -35.61 14.82
N ILE A 77 4.49 -35.32 15.03
CA ILE A 77 4.95 -33.93 15.06
C ILE A 77 4.70 -33.25 13.73
N TYR A 78 4.75 -34.01 12.62
CA TYR A 78 4.51 -33.42 11.31
C TYR A 78 3.06 -32.98 11.14
N CYS A 79 2.13 -33.58 11.89
CA CYS A 79 0.76 -33.05 11.93
C CYS A 79 0.71 -31.75 12.71
N TYR A 80 1.58 -31.59 13.70
CA TYR A 80 1.69 -30.32 14.42
C TYR A 80 2.34 -29.26 13.54
N LEU A 81 3.40 -29.64 12.81
CA LEU A 81 4.10 -28.68 11.96
C LEU A 81 3.26 -28.29 10.75
N GLN A 82 2.41 -29.20 10.26
CA GLN A 82 1.46 -28.84 9.21
C GLN A 82 0.60 -27.66 9.64
N ARG A 83 -0.13 -27.83 10.75
CA ARG A 83 -1.08 -26.81 11.20
C ARG A 83 -0.37 -25.54 11.66
N ILE A 84 0.90 -25.63 12.04
CA ILE A 84 1.67 -24.43 12.37
C ILE A 84 2.06 -23.69 11.09
N GLY A 85 2.74 -24.37 10.18
CA GLY A 85 3.25 -23.70 9.00
C GLY A 85 2.15 -23.14 8.11
N ILE A 86 1.11 -23.94 7.85
CA ILE A 86 0.08 -23.52 6.92
C ILE A 86 -0.71 -22.33 7.48
N GLY A 87 -0.80 -22.23 8.80
CA GLY A 87 -1.56 -21.15 9.41
C GLY A 87 -0.71 -19.95 9.79
N LEU A 88 0.56 -20.21 10.13
CA LEU A 88 1.45 -19.16 10.60
C LEU A 88 2.29 -18.52 9.49
N SER A 89 2.72 -19.29 8.49
CA SER A 89 3.54 -18.69 7.45
C SER A 89 2.82 -17.55 6.71
N PRO A 90 1.52 -17.61 6.41
CA PRO A 90 0.87 -16.40 5.88
C PRO A 90 0.77 -15.31 6.92
N ALA A 91 0.51 -15.66 8.18
CA ALA A 91 0.41 -14.65 9.23
C ALA A 91 1.71 -13.89 9.40
N MET A 92 2.85 -14.55 9.19
CA MET A 92 4.12 -13.86 9.28
C MET A 92 4.28 -12.85 8.15
N SER A 93 3.95 -13.25 6.92
CA SER A 93 4.16 -12.37 5.79
C SER A 93 3.15 -11.22 5.78
N TYR A 94 1.90 -11.51 6.12
CA TYR A 94 0.85 -10.50 5.98
C TYR A 94 0.70 -9.60 7.20
N SER A 95 1.12 -10.04 8.39
CA SER A 95 1.12 -9.13 9.55
C SER A 95 2.18 -8.07 9.40
N ALA A 96 3.37 -8.44 8.91
CA ALA A 96 4.41 -7.47 8.65
C ALA A 96 4.05 -6.57 7.48
N LEU A 97 3.35 -7.11 6.49
CA LEU A 97 2.93 -6.32 5.34
C LEU A 97 1.82 -5.35 5.73
N VAL A 98 0.86 -5.78 6.55
CA VAL A 98 -0.22 -4.87 6.95
C VAL A 98 0.31 -3.78 7.87
N THR A 99 1.32 -4.10 8.68
CA THR A 99 2.00 -3.06 9.45
C THR A 99 2.70 -2.08 8.51
N LYS A 100 3.31 -2.58 7.44
CA LYS A 100 4.00 -1.71 6.49
C LYS A 100 3.01 -0.85 5.72
N THR A 101 1.95 -1.45 5.20
CA THR A 101 0.98 -0.69 4.40
C THR A 101 0.23 0.32 5.27
N TYR A 102 -0.16 -0.06 6.49
CA TYR A 102 -0.89 0.86 7.35
C TYR A 102 -0.07 2.11 7.66
N ARG A 103 1.24 1.95 7.85
CA ARG A 103 2.09 3.10 8.10
C ARG A 103 2.17 4.00 6.87
N ALA A 104 2.24 3.40 5.67
CA ALA A 104 2.19 4.21 4.45
C ALA A 104 0.87 4.96 4.33
N ALA A 105 -0.22 4.40 4.84
CA ALA A 105 -1.49 5.11 4.78
C ALA A 105 -1.53 6.27 5.77
N ARG A 106 -0.99 6.06 6.98
CA ARG A 106 -0.89 7.16 7.93
C ARG A 106 0.05 8.24 7.42
N ILE A 107 1.16 7.84 6.78
CA ILE A 107 2.09 8.81 6.22
C ILE A 107 1.44 9.58 5.09
N LEU A 108 0.64 8.90 4.27
CA LEU A 108 -0.06 9.57 3.18
C LEU A 108 -1.14 10.51 3.69
N ALA A 109 -1.82 10.13 4.77
CA ALA A 109 -2.86 10.99 5.32
C ALA A 109 -2.25 12.24 5.95
N MET A 110 -1.21 12.07 6.76
CA MET A 110 -0.51 13.22 7.31
C MET A 110 0.09 14.09 6.23
N SER A 111 0.46 13.49 5.09
CA SER A 111 0.97 14.27 3.96
C SER A 111 -0.10 15.20 3.41
N LYS A 112 -1.33 14.71 3.27
CA LYS A 112 -2.40 15.53 2.72
C LYS A 112 -2.85 16.62 3.68
N LYS A 113 -2.57 16.49 4.97
CA LYS A 113 -2.98 17.51 5.92
C LYS A 113 -2.23 18.82 5.70
N ASN A 114 -0.97 18.74 5.28
CA ASN A 114 -0.20 19.96 5.02
C ASN A 114 -0.82 20.77 3.89
N ILE A 115 -1.16 20.10 2.78
CA ILE A 115 -1.82 20.79 1.67
C ILE A 115 -3.09 21.48 2.16
N PHE A 116 -3.86 20.80 3.02
CA PHE A 116 -5.09 21.37 3.53
C PHE A 116 -4.82 22.61 4.38
N GLU A 117 -3.88 22.52 5.33
CA GLU A 117 -3.54 23.69 6.12
C GLU A 117 -2.99 24.81 5.24
N MET A 118 -2.31 24.45 4.15
CA MET A 118 -1.79 25.47 3.24
C MET A 118 -2.92 26.25 2.60
N LEU A 119 -3.85 25.55 1.95
CA LEU A 119 -4.94 26.23 1.25
C LEU A 119 -5.99 26.79 2.19
N ARG A 120 -6.08 26.28 3.42
CA ARG A 120 -6.99 26.90 4.40
C ARG A 120 -6.56 28.33 4.69
N ILE A 121 -5.25 28.58 4.72
CA ILE A 121 -4.71 29.91 4.99
C ILE A 121 -4.76 30.78 3.74
N ASP A 122 -4.51 30.20 2.57
CA ASP A 122 -4.47 30.99 1.35
C ASP A 122 -5.87 31.28 0.82
N GLU A 123 -6.75 30.28 0.81
CA GLU A 123 -8.01 30.42 0.10
C GLU A 123 -9.20 30.63 1.03
N GLY A 124 -9.18 30.01 2.19
CA GLY A 124 -10.26 30.14 3.15
C GLY A 124 -11.08 28.87 3.26
N LEU A 125 -12.13 28.95 4.07
CA LEU A 125 -12.91 27.79 4.48
C LEU A 125 -14.23 28.26 5.07
N ARG A 126 -15.36 27.68 4.65
CA ARG A 126 -16.65 27.92 5.29
C ARG A 126 -17.20 26.60 5.82
N LEU A 127 -17.57 26.59 7.09
CA LEU A 127 -18.06 25.37 7.71
C LEU A 127 -19.55 25.12 7.47
N LYS A 128 -20.25 26.04 6.80
CA LYS A 128 -21.64 25.80 6.42
C LYS A 128 -21.82 26.05 4.93
N ILE A 129 -22.93 25.53 4.40
CA ILE A 129 -23.15 25.56 2.96
C ILE A 129 -23.24 27.00 2.46
N TYR A 130 -22.65 27.24 1.29
CA TYR A 130 -22.71 28.53 0.62
C TYR A 130 -22.71 28.28 -0.88
N LYS A 131 -22.61 29.35 -1.67
CA LYS A 131 -22.57 29.26 -3.12
C LYS A 131 -21.33 29.96 -3.66
N ASP A 132 -20.77 29.42 -4.73
CA ASP A 132 -19.70 30.10 -5.44
C ASP A 132 -20.29 31.22 -6.30
N THR A 133 -19.42 31.93 -7.04
CA THR A 133 -19.88 33.05 -7.86
C THR A 133 -20.80 32.60 -8.98
N GLU A 134 -20.70 31.34 -9.40
CA GLU A 134 -21.68 30.79 -10.34
C GLU A 134 -23.05 30.70 -9.70
N GLY A 135 -23.14 30.14 -8.50
CA GLY A 135 -24.41 30.02 -7.80
C GLY A 135 -24.71 28.60 -7.34
N TYR A 136 -23.74 27.71 -7.48
CA TYR A 136 -23.91 26.31 -7.13
C TYR A 136 -23.46 26.07 -5.69
N TYR A 137 -24.16 25.17 -5.00
CA TYR A 137 -23.93 24.98 -3.57
C TYR A 137 -22.54 24.40 -3.31
N THR A 138 -21.89 24.94 -2.27
CA THR A 138 -20.50 24.64 -1.97
C THR A 138 -20.33 24.63 -0.45
N ILE A 139 -19.29 23.95 0.02
CA ILE A 139 -18.96 23.93 1.45
C ILE A 139 -17.48 23.61 1.59
N GLY A 140 -16.89 24.04 2.72
CA GLY A 140 -15.50 23.79 2.97
C GLY A 140 -14.60 24.70 2.14
N ILE A 141 -13.47 24.17 1.66
CA ILE A 141 -12.57 24.88 0.76
C ILE A 141 -13.03 24.70 -0.67
N GLY A 142 -14.08 25.41 -1.07
CA GLY A 142 -14.54 25.35 -2.45
C GLY A 142 -14.93 23.98 -2.98
N HIS A 143 -15.50 23.12 -2.12
CA HIS A 143 -15.91 21.78 -2.52
C HIS A 143 -17.33 21.81 -3.07
N LEU A 144 -17.49 21.46 -4.34
CA LEU A 144 -18.81 21.44 -4.97
C LEU A 144 -19.63 20.26 -4.45
N LEU A 145 -20.89 20.54 -4.13
CA LEU A 145 -21.84 19.52 -3.69
C LEU A 145 -22.79 19.12 -4.83
N THR A 146 -23.65 20.02 -5.27
CA THR A 146 -24.58 19.76 -6.36
C THR A 146 -24.70 20.98 -7.25
N LYS A 147 -25.11 20.75 -8.49
CA LYS A 147 -25.40 21.82 -9.45
C LYS A 147 -26.89 22.14 -9.53
N SER A 148 -27.74 21.44 -8.72
CA SER A 148 -29.17 21.62 -8.62
C SER A 148 -29.52 22.82 -7.75
N PRO A 149 -30.55 23.57 -8.14
CA PRO A 149 -30.97 24.72 -7.32
C PRO A 149 -31.58 24.35 -5.98
N SER A 150 -31.74 23.07 -5.67
CA SER A 150 -32.35 22.65 -4.41
C SER A 150 -31.32 22.64 -3.30
N LEU A 151 -31.61 23.37 -2.22
CA LEU A 151 -30.75 23.32 -1.04
C LEU A 151 -30.79 21.96 -0.38
N ASN A 152 -31.95 21.30 -0.37
CA ASN A 152 -32.06 19.97 0.20
C ASN A 152 -31.22 18.95 -0.58
N ALA A 153 -31.08 19.15 -1.90
CA ALA A 153 -30.21 18.29 -2.69
C ALA A 153 -28.76 18.43 -2.24
N ALA A 154 -28.33 19.65 -1.94
CA ALA A 154 -26.99 19.87 -1.42
C ALA A 154 -26.81 19.21 -0.07
N LYS A 155 -27.80 19.35 0.81
CA LYS A 155 -27.73 18.68 2.11
C LYS A 155 -27.78 17.17 1.96
N SER A 156 -28.52 16.67 0.97
CA SER A 156 -28.57 15.23 0.74
C SER A 156 -27.22 14.69 0.30
N GLU A 157 -26.62 15.31 -0.73
CA GLU A 157 -25.31 14.88 -1.20
C GLU A 157 -24.22 15.15 -0.17
N LEU A 158 -24.41 16.16 0.69
CA LEU A 158 -23.43 16.40 1.76
C LEU A 158 -23.48 15.30 2.80
N ASP A 159 -24.68 14.88 3.20
CA ASP A 159 -24.82 13.80 4.17
C ASP A 159 -24.21 12.50 3.65
N LYS A 160 -24.42 12.20 2.36
CA LYS A 160 -23.81 11.01 1.78
C LYS A 160 -22.30 11.13 1.74
N ALA A 161 -21.77 12.35 1.60
CA ALA A 161 -20.33 12.53 1.48
C ALA A 161 -19.62 12.42 2.82
N ILE A 162 -20.31 12.71 3.91
CA ILE A 162 -19.71 12.72 5.24
C ILE A 162 -20.03 11.44 6.01
N GLY A 163 -21.30 11.03 6.01
CA GLY A 163 -21.74 9.87 6.74
C GLY A 163 -22.59 10.16 7.95
N ARG A 164 -23.23 11.33 8.02
CA ARG A 164 -24.10 11.67 9.13
C ARG A 164 -25.03 12.78 8.67
N ASN A 165 -26.02 13.08 9.52
CA ASN A 165 -26.96 14.16 9.22
C ASN A 165 -26.34 15.46 9.71
N THR A 166 -25.71 16.18 8.78
CA THR A 166 -24.94 17.37 9.13
C THR A 166 -25.80 18.61 9.31
N ASN A 167 -26.99 18.66 8.70
CA ASN A 167 -27.84 19.85 8.68
C ASN A 167 -27.13 21.03 8.02
N GLY A 168 -26.31 20.76 7.02
CA GLY A 168 -25.61 21.79 6.30
C GLY A 168 -24.39 22.38 6.98
N VAL A 169 -23.94 21.79 8.09
CA VAL A 169 -22.80 22.30 8.85
C VAL A 169 -21.82 21.16 9.10
N ILE A 170 -20.54 21.39 8.77
CA ILE A 170 -19.51 20.37 8.96
C ILE A 170 -18.49 20.85 9.98
N THR A 171 -17.35 20.15 10.05
CA THR A 171 -16.24 20.52 10.92
C THR A 171 -14.98 20.69 10.08
N LYS A 172 -13.86 21.00 10.76
CA LYS A 172 -12.61 21.19 10.05
C LYS A 172 -12.08 19.87 9.48
N ASP A 173 -12.22 18.78 10.23
CA ASP A 173 -11.76 17.48 9.74
C ASP A 173 -12.67 16.94 8.64
N GLU A 174 -13.96 17.27 8.68
CA GLU A 174 -14.86 16.83 7.60
C GLU A 174 -14.67 17.66 6.35
N ALA A 175 -14.18 18.91 6.48
CA ALA A 175 -13.79 19.69 5.31
C ALA A 175 -12.44 19.25 4.76
N GLU A 176 -11.58 18.70 5.62
CA GLU A 176 -10.33 18.11 5.16
C GLU A 176 -10.59 16.86 4.34
N LYS A 177 -11.59 16.07 4.72
CA LYS A 177 -11.96 14.88 3.97
C LYS A 177 -12.44 15.26 2.57
N LEU A 178 -13.33 16.24 2.48
CA LEU A 178 -13.79 16.70 1.18
C LEU A 178 -12.66 17.34 0.38
N PHE A 179 -11.73 18.01 1.07
CA PHE A 179 -10.61 18.63 0.36
C PHE A 179 -9.70 17.59 -0.29
N ASN A 180 -9.59 16.40 0.32
CA ASN A 180 -8.75 15.36 -0.25
C ASN A 180 -9.29 14.86 -1.59
N GLN A 181 -10.61 14.93 -1.78
CA GLN A 181 -11.19 14.60 -3.08
C GLN A 181 -10.83 15.65 -4.12
N ASP A 182 -10.87 16.93 -3.74
CA ASP A 182 -10.55 18.00 -4.67
C ASP A 182 -9.07 18.00 -5.04
N VAL A 183 -8.20 17.53 -4.16
CA VAL A 183 -6.78 17.48 -4.51
C VAL A 183 -6.53 16.37 -5.52
N ASP A 184 -7.09 15.18 -5.27
CA ASP A 184 -6.91 14.07 -6.21
C ASP A 184 -7.49 14.44 -7.58
N ALA A 185 -8.63 15.13 -7.61
CA ALA A 185 -9.18 15.59 -8.88
C ALA A 185 -8.19 16.53 -9.58
N ALA A 186 -7.68 17.53 -8.85
CA ALA A 186 -6.77 18.50 -9.45
C ALA A 186 -5.47 17.84 -9.91
N VAL A 187 -4.96 16.88 -9.14
CA VAL A 187 -3.75 16.16 -9.54
C VAL A 187 -4.01 15.33 -10.81
N ARG A 188 -5.22 14.80 -10.96
CA ARG A 188 -5.54 14.07 -12.18
C ARG A 188 -5.52 14.99 -13.40
N GLY A 189 -6.04 16.21 -13.26
CA GLY A 189 -6.00 17.15 -14.37
C GLY A 189 -4.59 17.56 -14.72
N ILE A 190 -3.72 17.68 -13.72
CA ILE A 190 -2.33 18.04 -13.95
C ILE A 190 -1.64 16.96 -14.79
N LEU A 191 -1.78 15.70 -14.39
CA LEU A 191 -1.16 14.61 -15.13
C LEU A 191 -1.81 14.39 -16.50
N ARG A 192 -3.03 14.89 -16.70
CA ARG A 192 -3.66 14.90 -18.01
C ARG A 192 -3.31 16.14 -18.82
N ASN A 193 -2.53 17.06 -18.25
CA ASN A 193 -2.14 18.30 -18.91
C ASN A 193 -0.67 18.19 -19.31
N ALA A 194 -0.40 18.31 -20.61
CA ALA A 194 0.96 18.09 -21.10
C ALA A 194 1.93 19.18 -20.66
N LYS A 195 1.43 20.40 -20.42
CA LYS A 195 2.30 21.49 -20.02
C LYS A 195 2.65 21.43 -18.54
N LEU A 196 1.74 20.92 -17.72
CA LEU A 196 1.94 20.88 -16.27
C LEU A 196 2.50 19.54 -15.79
N LYS A 197 2.30 18.46 -16.55
CA LYS A 197 2.74 17.14 -16.10
C LYS A 197 4.24 17.05 -15.85
N PRO A 198 5.13 17.47 -16.77
CA PRO A 198 6.57 17.28 -16.51
C PRO A 198 7.09 18.07 -15.32
N VAL A 199 6.47 19.20 -14.99
CA VAL A 199 6.90 19.97 -13.83
C VAL A 199 6.48 19.28 -12.55
N TYR A 200 5.23 18.79 -12.50
CA TYR A 200 4.74 18.10 -11.30
C TYR A 200 5.54 16.83 -11.02
N ASP A 201 5.98 16.14 -12.08
CA ASP A 201 6.79 14.94 -11.88
C ASP A 201 8.15 15.28 -11.29
N SER A 202 8.70 16.45 -11.62
CA SER A 202 10.04 16.81 -11.18
C SER A 202 10.07 17.28 -9.74
N LEU A 203 9.04 18.01 -9.31
CA LEU A 203 9.05 18.67 -8.01
C LEU A 203 8.90 17.67 -6.86
N ASP A 204 9.40 18.05 -5.69
CA ASP A 204 9.21 17.28 -4.48
C ASP A 204 7.80 17.51 -3.93
N ALA A 205 7.49 16.86 -2.81
CA ALA A 205 6.13 16.89 -2.29
C ALA A 205 5.73 18.30 -1.88
N VAL A 206 6.64 19.05 -1.25
CA VAL A 206 6.32 20.41 -0.80
C VAL A 206 6.04 21.32 -1.97
N ARG A 207 6.88 21.27 -3.01
CA ARG A 207 6.70 22.15 -4.16
C ARG A 207 5.53 21.74 -5.03
N ARG A 208 5.07 20.49 -4.92
CA ARG A 208 3.84 20.10 -5.62
C ARG A 208 2.62 20.74 -5.00
N ALA A 209 2.65 20.95 -3.66
CA ALA A 209 1.56 21.64 -2.98
C ALA A 209 1.43 23.08 -3.50
N ALA A 210 2.56 23.74 -3.73
CA ALA A 210 2.53 25.12 -4.20
C ALA A 210 1.97 25.20 -5.61
N LEU A 211 2.28 24.21 -6.46
CA LEU A 211 1.72 24.19 -7.81
C LEU A 211 0.23 23.86 -7.78
N ILE A 212 -0.17 22.94 -6.90
CA ILE A 212 -1.59 22.66 -6.70
C ILE A 212 -2.30 23.91 -6.18
N ASN A 213 -1.65 24.64 -5.27
CA ASN A 213 -2.19 25.89 -4.78
C ASN A 213 -2.52 26.84 -5.94
N MET A 214 -1.56 27.01 -6.86
CA MET A 214 -1.80 27.89 -8.00
C MET A 214 -2.91 27.37 -8.89
N VAL A 215 -2.97 26.05 -9.10
CA VAL A 215 -4.04 25.47 -9.91
C VAL A 215 -5.39 25.72 -9.25
N PHE A 216 -5.44 25.67 -7.92
CA PHE A 216 -6.68 25.96 -7.20
C PHE A 216 -7.12 27.42 -7.33
N GLN A 217 -6.21 28.31 -7.73
CA GLN A 217 -6.49 29.75 -7.82
C GLN A 217 -6.75 30.23 -9.24
N MET A 218 -6.00 29.71 -10.22
CA MET A 218 -6.09 30.17 -11.59
C MET A 218 -6.53 29.10 -12.58
N GLY A 219 -6.66 27.86 -12.14
CA GLY A 219 -7.01 26.77 -13.04
C GLY A 219 -5.80 26.27 -13.82
N GLU A 220 -6.01 25.14 -14.49
CA GLU A 220 -4.92 24.51 -15.25
C GLU A 220 -4.44 25.41 -16.38
N THR A 221 -5.38 25.91 -17.19
CA THR A 221 -4.99 26.76 -18.31
C THR A 221 -4.30 28.02 -17.85
N GLY A 222 -4.66 28.54 -16.66
CA GLY A 222 -4.02 29.73 -16.15
C GLY A 222 -2.59 29.47 -15.70
N VAL A 223 -2.35 28.37 -14.99
CA VAL A 223 -1.00 28.03 -14.58
C VAL A 223 -0.14 27.69 -15.79
N ALA A 224 -0.75 27.24 -16.89
CA ALA A 224 0.02 26.97 -18.10
C ALA A 224 0.59 28.22 -18.73
N GLY A 225 0.07 29.40 -18.38
CA GLY A 225 0.61 30.63 -18.91
C GLY A 225 2.02 30.93 -18.45
N PHE A 226 2.40 30.43 -17.27
CA PHE A 226 3.73 30.69 -16.72
C PHE A 226 4.77 29.78 -17.37
N THR A 227 4.84 29.88 -18.71
CA THR A 227 5.68 28.96 -19.48
C THR A 227 7.15 29.03 -19.05
N ASN A 228 7.70 30.23 -18.98
CA ASN A 228 9.10 30.37 -18.60
C ASN A 228 9.31 29.96 -17.15
N SER A 229 8.43 30.39 -16.25
CA SER A 229 8.61 30.11 -14.83
C SER A 229 8.47 28.61 -14.54
N LEU A 230 7.57 27.94 -15.25
CA LEU A 230 7.43 26.49 -15.09
C LEU A 230 8.71 25.77 -15.50
N ARG A 231 9.33 26.20 -16.60
CA ARG A 231 10.57 25.55 -17.06
C ARG A 231 11.71 25.77 -16.08
N MET A 232 11.77 26.93 -15.44
CA MET A 232 12.81 27.18 -14.44
C MET A 232 12.66 26.25 -13.24
N LEU A 233 11.41 26.02 -12.81
CA LEU A 233 11.17 25.13 -11.68
C LEU A 233 11.55 23.70 -12.03
N GLN A 234 11.25 23.27 -13.27
CA GLN A 234 11.61 21.94 -13.69
C GLN A 234 13.12 21.74 -13.63
N GLN A 235 13.88 22.74 -14.06
CA GLN A 235 15.34 22.71 -13.98
C GLN A 235 15.86 23.00 -12.58
N LYS A 236 14.96 23.05 -11.59
CA LYS A 236 15.33 23.23 -10.18
C LYS A 236 16.08 24.55 -9.97
N ARG A 237 15.75 25.56 -10.77
CA ARG A 237 16.30 26.90 -10.62
C ARG A 237 15.33 27.72 -9.78
N TRP A 238 15.36 27.49 -8.46
CA TRP A 238 14.34 28.05 -7.58
C TRP A 238 14.46 29.57 -7.49
N ASP A 239 15.66 30.07 -7.22
CA ASP A 239 15.84 31.50 -7.03
C ASP A 239 15.46 32.29 -8.27
N GLU A 240 15.68 31.73 -9.46
CA GLU A 240 15.31 32.44 -10.68
C GLU A 240 13.81 32.38 -10.92
N ALA A 241 13.18 31.24 -10.59
CA ALA A 241 11.73 31.10 -10.78
C ALA A 241 10.95 32.09 -9.92
N ALA A 242 11.46 32.39 -8.72
CA ALA A 242 10.77 33.33 -7.84
C ALA A 242 10.91 34.76 -8.35
N VAL A 243 12.08 35.11 -8.89
CA VAL A 243 12.29 36.45 -9.44
C VAL A 243 11.34 36.69 -10.61
N ASN A 244 11.16 35.67 -11.44
CA ASN A 244 10.27 35.79 -12.60
C ASN A 244 8.80 35.79 -12.19
N LEU A 245 8.45 34.96 -11.19
CA LEU A 245 7.06 34.93 -10.74
C LEU A 245 6.68 36.20 -10.01
N ALA A 246 7.66 36.86 -9.38
CA ALA A 246 7.40 38.11 -8.65
C ALA A 246 7.10 39.28 -9.58
N LYS A 247 7.29 39.14 -10.89
CA LYS A 247 6.92 40.16 -11.85
C LYS A 247 5.55 39.94 -12.48
N SER A 248 4.89 38.84 -12.12
CA SER A 248 3.69 38.42 -12.81
C SER A 248 2.49 39.28 -12.42
N ARG A 249 1.45 39.24 -13.26
CA ARG A 249 0.20 39.90 -12.91
C ARG A 249 -0.49 39.18 -11.76
N TRP A 250 -0.24 37.88 -11.63
CA TRP A 250 -0.72 37.12 -10.48
C TRP A 250 -0.17 37.67 -9.17
N TYR A 251 1.10 38.06 -9.17
CA TYR A 251 1.69 38.61 -7.94
C TYR A 251 1.18 40.01 -7.65
N ASN A 252 0.81 40.78 -8.68
CA ASN A 252 0.38 42.15 -8.41
C ASN A 252 -1.11 42.25 -8.11
N GLN A 253 -1.89 41.20 -8.39
CA GLN A 253 -3.30 41.19 -8.05
C GLN A 253 -3.55 40.60 -6.66
N THR A 254 -2.86 39.52 -6.31
CA THR A 254 -2.96 38.89 -4.99
C THR A 254 -1.56 38.74 -4.40
N PRO A 255 -0.94 39.84 -3.96
CA PRO A 255 0.47 39.77 -3.52
C PRO A 255 0.69 39.03 -2.22
N ASN A 256 -0.27 39.08 -1.29
CA ASN A 256 -0.09 38.40 -0.01
C ASN A 256 -0.07 36.89 -0.18
N ARG A 257 -1.00 36.35 -0.97
CA ARG A 257 -1.00 34.91 -1.24
C ARG A 257 0.18 34.51 -2.12
N ALA A 258 0.46 35.26 -3.18
CA ALA A 258 1.51 34.88 -4.11
C ALA A 258 2.87 34.87 -3.44
N LYS A 259 3.10 35.76 -2.47
CA LYS A 259 4.39 35.80 -1.79
C LYS A 259 4.67 34.50 -1.04
N ARG A 260 3.62 33.91 -0.44
CA ARG A 260 3.78 32.67 0.31
C ARG A 260 4.00 31.47 -0.60
N VAL A 261 3.24 31.40 -1.71
CA VAL A 261 3.42 30.32 -2.67
C VAL A 261 4.80 30.40 -3.32
N ILE A 262 5.25 31.61 -3.62
CA ILE A 262 6.54 31.80 -4.27
C ILE A 262 7.68 31.43 -3.32
N THR A 263 7.56 31.81 -2.05
CA THR A 263 8.59 31.48 -1.07
C THR A 263 8.71 29.96 -0.90
N THR A 264 7.58 29.25 -0.95
CA THR A 264 7.62 27.80 -0.84
C THR A 264 8.35 27.18 -2.04
N PHE A 265 8.20 27.78 -3.23
CA PHE A 265 8.93 27.31 -4.40
C PHE A 265 10.43 27.43 -4.21
N ARG A 266 10.88 28.50 -3.55
CA ARG A 266 12.32 28.68 -3.32
C ARG A 266 12.86 27.65 -2.35
N THR A 267 12.37 27.68 -1.10
CA THR A 267 12.94 26.87 -0.04
C THR A 267 12.51 25.41 -0.09
N GLY A 268 11.41 25.11 -0.76
CA GLY A 268 10.86 23.76 -0.70
C GLY A 268 10.43 23.35 0.68
N THR A 269 10.20 24.31 1.56
CA THR A 269 9.79 24.09 2.94
C THR A 269 8.45 24.76 3.18
N TRP A 270 7.88 24.52 4.37
CA TRP A 270 6.62 25.11 4.79
C TRP A 270 6.81 26.36 5.63
N ASP A 271 8.00 26.95 5.61
CA ASP A 271 8.29 28.07 6.51
C ASP A 271 7.33 29.23 6.30
N ALA A 272 6.81 29.40 5.09
CA ALA A 272 5.93 30.52 4.79
C ALA A 272 4.54 30.38 5.41
N TYR A 273 4.21 29.22 5.96
CA TYR A 273 2.89 28.97 6.54
C TYR A 273 3.04 28.55 8.00
N LYS A 274 1.89 28.42 8.67
CA LYS A 274 1.89 28.02 10.07
C LYS A 274 2.15 26.55 10.28
N ILE A 275 2.21 25.75 9.22
CA ILE A 275 2.45 24.32 9.32
C ILE A 275 2.79 23.75 7.94
N MET A 283 5.96 7.27 13.04
CA MET A 283 5.18 6.14 13.52
C MET A 283 6.06 5.05 14.16
N SER A 284 7.25 5.46 14.60
N SER A 284 7.25 5.46 14.60
CA SER A 284 8.23 4.60 15.26
CA SER A 284 8.23 4.60 15.25
C SER A 284 8.70 3.46 14.35
C SER A 284 8.70 3.46 14.35
N ALA A 285 9.62 2.65 14.84
CA ALA A 285 10.18 1.56 14.05
C ALA A 285 10.17 0.26 14.82
N ALA A 287 8.09 -0.21 17.05
CA ALA A 287 6.66 -0.41 17.23
C ALA A 287 6.12 -1.32 16.15
N GLN A 288 6.65 -1.18 14.94
CA GLN A 288 6.26 -2.03 13.84
C GLN A 288 6.59 -3.49 14.12
N LEU A 289 7.77 -3.74 14.70
CA LEU A 289 8.13 -5.10 15.06
C LEU A 289 7.20 -5.64 16.15
N VAL A 290 6.87 -4.81 17.14
CA VAL A 290 6.01 -5.26 18.23
C VAL A 290 4.60 -5.53 17.72
N ILE A 291 4.07 -4.65 16.87
CA ILE A 291 2.74 -4.83 16.33
C ILE A 291 2.69 -6.05 15.41
N ALA A 292 3.70 -6.19 14.53
CA ALA A 292 3.77 -7.37 13.68
C ALA A 292 3.90 -8.63 14.52
N PHE A 293 4.65 -8.56 15.62
CA PHE A 293 4.78 -9.71 16.51
C PHE A 293 3.45 -10.04 17.18
N ILE A 294 2.71 -9.02 17.60
CA ILE A 294 1.39 -9.22 18.21
C ILE A 294 0.45 -9.90 17.22
N LEU A 295 0.35 -9.35 16.01
CA LEU A 295 -0.55 -9.93 15.02
C LEU A 295 -0.17 -11.37 14.66
N ILE A 296 1.09 -11.76 14.89
CA ILE A 296 1.47 -13.14 14.63
C ILE A 296 1.13 -14.04 15.81
N CYS A 297 1.22 -13.51 17.05
CA CYS A 297 0.88 -14.32 18.22
C CYS A 297 -0.61 -14.61 18.30
N ILE A 298 -1.44 -13.71 17.77
CA ILE A 298 -2.87 -13.99 17.70
C ILE A 298 -3.12 -15.24 16.87
N GLN A 299 -2.47 -15.35 15.71
CA GLN A 299 -2.62 -16.55 14.89
C GLN A 299 -2.06 -17.77 15.61
N LEU A 300 -0.92 -17.61 16.30
CA LEU A 300 -0.38 -18.71 17.08
C LEU A 300 -1.36 -19.14 18.17
N GLY A 301 -1.97 -18.18 18.85
CA GLY A 301 -2.98 -18.51 19.83
C GLY A 301 -4.15 -19.29 19.24
N ILE A 302 -4.61 -18.88 18.06
CA ILE A 302 -5.65 -19.62 17.37
C ILE A 302 -5.21 -21.06 17.13
N ILE A 303 -3.97 -21.25 16.66
CA ILE A 303 -3.50 -22.60 16.38
C ILE A 303 -3.38 -23.41 17.66
N VAL A 304 -2.76 -22.84 18.70
CA VAL A 304 -2.55 -23.59 19.94
C VAL A 304 -3.89 -23.98 20.56
N ALA A 305 -4.89 -23.10 20.49
CA ALA A 305 -6.19 -23.43 21.05
C ALA A 305 -6.82 -24.62 20.33
N LEU A 306 -6.66 -24.67 19.01
CA LEU A 306 -7.17 -25.82 18.26
C LEU A 306 -6.33 -27.07 18.49
N PHE A 307 -5.06 -26.91 18.89
CA PHE A 307 -4.29 -28.07 19.30
C PHE A 307 -4.91 -28.72 20.53
N ILE A 308 -5.56 -27.93 21.37
CA ILE A 308 -6.19 -28.47 22.58
C ILE A 308 -7.60 -28.97 22.30
N MET A 309 -8.41 -28.21 21.55
CA MET A 309 -9.75 -28.66 21.23
C MET A 309 -9.72 -29.91 20.36
N GLU A 310 -8.80 -29.97 19.39
CA GLU A 310 -8.72 -31.08 18.45
C GLU A 310 -7.24 -31.43 18.28
N PRO A 311 -6.71 -32.30 19.13
CA PRO A 311 -5.27 -32.62 19.07
C PRO A 311 -4.90 -33.27 17.76
N PRO A 312 -3.73 -32.92 17.20
CA PRO A 312 -3.31 -33.53 15.93
C PRO A 312 -3.09 -35.02 16.08
N ASP A 313 -3.36 -35.75 15.00
CA ASP A 313 -3.25 -37.19 15.01
C ASP A 313 -3.29 -37.70 13.58
N ILE A 314 -2.48 -38.73 13.31
CA ILE A 314 -2.48 -39.34 11.99
C ILE A 314 -3.77 -40.14 11.82
N MET A 315 -4.44 -39.94 10.68
CA MET A 315 -5.77 -40.53 10.51
C MET A 315 -5.70 -42.05 10.47
N HIS A 316 -4.98 -42.60 9.48
CA HIS A 316 -4.74 -44.03 9.23
C HIS A 316 -5.45 -45.06 10.12
N GLU A 323 2.93 -44.70 1.89
CA GLU A 323 2.06 -43.54 1.81
C GLU A 323 2.86 -42.24 2.01
N VAL A 324 3.10 -41.51 0.93
CA VAL A 324 3.88 -40.28 1.02
C VAL A 324 3.01 -39.11 1.45
N TYR A 325 1.71 -39.16 1.15
CA TYR A 325 0.77 -38.14 1.60
C TYR A 325 0.46 -38.36 3.07
N LEU A 326 0.95 -37.47 3.93
CA LEU A 326 0.71 -37.58 5.37
C LEU A 326 -0.65 -36.98 5.69
N ILE A 327 -1.63 -37.83 5.96
CA ILE A 327 -2.99 -37.40 6.25
C ILE A 327 -3.18 -37.35 7.77
N CYS A 328 -3.64 -36.22 8.27
CA CYS A 328 -3.87 -36.00 9.68
C CYS A 328 -5.37 -35.87 9.95
N ASN A 329 -5.71 -35.66 11.22
CA ASN A 329 -7.09 -35.57 11.66
C ASN A 329 -7.64 -34.15 11.63
N THR A 330 -6.96 -33.22 10.97
CA THR A 330 -7.36 -31.82 11.03
C THR A 330 -8.79 -31.64 10.52
N THR A 331 -9.65 -31.12 11.37
CA THR A 331 -11.06 -30.93 11.04
C THR A 331 -11.27 -29.58 10.37
N ASN A 332 -12.51 -29.32 9.93
CA ASN A 332 -12.79 -28.08 9.21
C ASN A 332 -12.48 -26.86 10.07
N LEU A 333 -12.88 -26.89 11.35
CA LEU A 333 -12.58 -25.78 12.23
C LEU A 333 -11.08 -25.57 12.38
N GLY A 334 -10.30 -26.65 12.34
CA GLY A 334 -8.85 -26.51 12.37
C GLY A 334 -8.28 -25.89 11.12
N VAL A 335 -9.02 -25.95 10.01
CA VAL A 335 -8.63 -25.31 8.77
C VAL A 335 -9.24 -23.92 8.64
N VAL A 336 -10.51 -23.77 8.98
CA VAL A 336 -11.20 -22.52 8.68
C VAL A 336 -10.80 -21.42 9.66
N ALA A 337 -10.58 -21.75 10.93
CA ALA A 337 -10.31 -20.69 11.91
C ALA A 337 -9.04 -19.92 11.57
N PRO A 338 -7.88 -20.55 11.34
CA PRO A 338 -6.73 -19.74 10.89
C PRO A 338 -6.92 -19.16 9.49
N LEU A 339 -7.70 -19.82 8.64
CA LEU A 339 -7.95 -19.30 7.30
C LEU A 339 -8.70 -17.98 7.36
N GLY A 340 -9.66 -17.86 8.28
CA GLY A 340 -10.39 -16.62 8.41
C GLY A 340 -9.52 -15.48 8.89
N TYR A 341 -8.71 -15.72 9.93
CA TYR A 341 -7.81 -14.68 10.40
C TYR A 341 -6.83 -14.26 9.31
N ASN A 342 -6.27 -15.24 8.59
CA ASN A 342 -5.37 -14.92 7.49
C ASN A 342 -6.07 -14.11 6.40
N GLY A 343 -7.36 -14.37 6.19
CA GLY A 343 -8.10 -13.59 5.21
C GLY A 343 -8.30 -12.15 5.63
N LEU A 344 -8.53 -11.92 6.93
CA LEU A 344 -8.62 -10.55 7.41
C LEU A 344 -7.31 -9.80 7.21
N LEU A 345 -6.19 -10.47 7.51
CA LEU A 345 -4.89 -9.85 7.25
C LEU A 345 -4.73 -9.50 5.79
N ILE A 346 -5.16 -10.39 4.89
CA ILE A 346 -5.04 -10.12 3.46
C ILE A 346 -5.95 -8.98 3.04
N LEU A 347 -7.18 -8.94 3.57
CA LEU A 347 -8.09 -7.85 3.22
C LEU A 347 -7.59 -6.51 3.75
N ALA A 348 -7.11 -6.49 5.00
CA ALA A 348 -6.56 -5.24 5.53
C ALA A 348 -5.35 -4.79 4.73
N CYS A 349 -4.48 -5.73 4.34
CA CYS A 349 -3.35 -5.40 3.48
C CYS A 349 -3.82 -4.78 2.17
N THR A 350 -4.73 -5.47 1.47
CA THR A 350 -5.24 -4.97 0.21
C THR A 350 -5.86 -3.59 0.36
N PHE A 351 -6.54 -3.34 1.48
CA PHE A 351 -7.19 -2.05 1.66
C PHE A 351 -6.16 -0.93 1.77
N TYR A 352 -5.18 -1.07 2.67
CA TYR A 352 -4.19 -0.01 2.83
C TYR A 352 -3.25 0.05 1.64
N ALA A 353 -2.96 -1.08 0.99
CA ALA A 353 -2.09 -1.05 -0.18
C ALA A 353 -2.78 -0.36 -1.35
N PHE A 354 -4.08 -0.60 -1.51
CA PHE A 354 -4.84 0.10 -2.53
C PHE A 354 -4.91 1.60 -2.23
N LYS A 355 -5.14 1.96 -0.97
CA LYS A 355 -5.21 3.37 -0.60
C LYS A 355 -3.90 4.09 -0.89
N THR A 356 -2.77 3.39 -0.83
CA THR A 356 -1.45 3.98 -1.04
C THR A 356 -0.82 3.55 -2.35
N ARG A 357 -1.62 3.04 -3.29
CA ARG A 357 -1.08 2.42 -4.51
C ARG A 357 -0.30 3.39 -5.38
N ASN A 358 -0.55 4.70 -5.27
CA ASN A 358 0.14 5.68 -6.10
C ASN A 358 1.27 6.41 -5.38
N VAL A 359 1.59 6.02 -4.15
CA VAL A 359 2.70 6.62 -3.41
C VAL A 359 4.01 6.25 -4.08
N PRO A 360 4.78 7.23 -4.58
CA PRO A 360 5.97 6.92 -5.39
C PRO A 360 7.22 6.63 -4.58
N ALA A 361 7.18 6.77 -3.25
CA ALA A 361 8.37 6.57 -2.43
C ALA A 361 8.90 5.15 -2.58
N ASN A 362 10.22 5.01 -2.38
CA ASN A 362 10.90 3.71 -2.40
C ASN A 362 10.78 3.04 -3.77
N PHE A 363 11.07 3.80 -4.82
CA PHE A 363 11.10 3.28 -6.19
C PHE A 363 9.75 2.66 -6.56
N ASN A 364 8.67 3.34 -6.20
CA ASN A 364 7.31 2.84 -6.42
C ASN A 364 7.10 1.50 -5.74
N GLU A 365 7.59 1.38 -4.50
CA GLU A 365 7.35 0.18 -3.72
C GLU A 365 5.86 -0.10 -3.59
N ALA A 366 5.03 0.93 -3.50
CA ALA A 366 3.62 0.72 -3.23
C ALA A 366 2.88 0.17 -4.44
N LYS A 367 3.35 0.45 -5.65
CA LYS A 367 2.72 -0.06 -6.85
C LYS A 367 2.80 -1.58 -6.91
N TYR A 368 3.92 -2.15 -6.47
CA TYR A 368 4.09 -3.60 -6.49
C TYR A 368 3.33 -4.26 -5.35
N ILE A 369 3.33 -3.63 -4.18
CA ILE A 369 2.57 -4.17 -3.05
C ILE A 369 1.09 -4.22 -3.37
N ALA A 370 0.58 -3.19 -4.03
CA ALA A 370 -0.83 -3.19 -4.40
C ALA A 370 -1.14 -4.33 -5.37
N PHE A 371 -0.27 -4.54 -6.36
CA PHE A 371 -0.50 -5.61 -7.33
C PHE A 371 -0.36 -6.98 -6.69
N THR A 372 0.51 -7.11 -5.68
CA THR A 372 0.66 -8.37 -4.97
C THR A 372 -0.62 -8.75 -4.25
N MET A 373 -1.24 -7.79 -3.55
CA MET A 373 -2.46 -8.13 -2.81
C MET A 373 -3.64 -8.40 -3.73
N TYR A 374 -3.68 -7.76 -4.90
CA TYR A 374 -4.75 -8.09 -5.86
C TYR A 374 -4.69 -9.56 -6.25
N THR A 375 -3.49 -10.05 -6.56
CA THR A 375 -3.33 -11.44 -6.95
C THR A 375 -3.58 -12.37 -5.77
N THR A 376 -3.09 -12.02 -4.58
CA THR A 376 -3.30 -12.86 -3.40
C THR A 376 -4.78 -13.07 -3.13
N CYS A 377 -5.58 -12.02 -3.30
CA CYS A 377 -7.01 -12.15 -3.09
C CYS A 377 -7.63 -13.15 -4.07
N ILE A 378 -7.25 -13.06 -5.34
CA ILE A 378 -7.82 -13.97 -6.34
C ILE A 378 -7.35 -15.39 -6.07
N ILE A 379 -6.11 -15.56 -5.63
CA ILE A 379 -5.60 -16.90 -5.38
C ILE A 379 -6.30 -17.52 -4.18
N TRP A 380 -6.37 -16.80 -3.07
CA TRP A 380 -6.98 -17.36 -1.86
C TRP A 380 -8.48 -17.56 -2.04
N LEU A 381 -9.16 -16.60 -2.69
CA LEU A 381 -10.58 -16.78 -2.94
C LEU A 381 -10.83 -17.95 -3.88
N ALA A 382 -9.96 -18.13 -4.88
CA ALA A 382 -10.17 -19.22 -5.83
C ALA A 382 -9.97 -20.58 -5.16
N PHE A 383 -9.04 -20.69 -4.23
CA PHE A 383 -8.75 -21.98 -3.61
C PHE A 383 -9.70 -22.31 -2.45
N VAL A 384 -10.73 -21.51 -2.22
CA VAL A 384 -11.75 -21.91 -1.25
C VAL A 384 -12.65 -22.96 -1.92
N PRO A 385 -13.31 -22.69 -3.06
CA PRO A 385 -14.08 -23.78 -3.68
C PRO A 385 -13.21 -24.88 -4.25
N ILE A 386 -11.99 -24.55 -4.68
CA ILE A 386 -11.11 -25.56 -5.27
C ILE A 386 -10.72 -26.60 -4.22
N TYR A 387 -10.33 -26.15 -3.02
CA TYR A 387 -9.87 -27.07 -2.00
C TYR A 387 -11.00 -27.94 -1.48
N PHE A 388 -12.09 -27.33 -1.03
CA PHE A 388 -13.18 -28.12 -0.44
C PHE A 388 -13.82 -29.04 -1.47
N GLY A 389 -13.88 -28.64 -2.73
CA GLY A 389 -14.43 -29.54 -3.73
C GLY A 389 -13.45 -30.53 -4.31
N SER A 390 -12.30 -30.72 -3.68
CA SER A 390 -11.23 -31.57 -4.19
C SER A 390 -11.08 -32.83 -3.35
N ASN A 391 -10.69 -33.92 -3.99
CA ASN A 391 -10.36 -35.16 -3.31
C ASN A 391 -8.86 -35.34 -3.13
N TYR A 392 -8.05 -34.39 -3.58
CA TYR A 392 -6.60 -34.45 -3.43
C TYR A 392 -6.15 -33.22 -2.66
N LYS A 393 -6.56 -33.13 -1.38
CA LYS A 393 -6.43 -31.88 -0.65
C LYS A 393 -4.99 -31.58 -0.24
N ILE A 394 -4.19 -32.62 -0.01
CA ILE A 394 -2.80 -32.38 0.37
C ILE A 394 -2.03 -31.78 -0.79
N ILE A 395 -2.20 -32.33 -1.99
CA ILE A 395 -1.50 -31.79 -3.15
C ILE A 395 -1.95 -30.36 -3.43
N THR A 396 -3.26 -30.12 -3.43
CA THR A 396 -3.73 -28.75 -3.68
C THR A 396 -3.22 -27.79 -2.61
N MET A 397 -3.12 -28.25 -1.36
CA MET A 397 -2.57 -27.39 -0.31
C MET A 397 -1.09 -27.10 -0.54
N CYS A 398 -0.32 -28.07 -1.04
CA CYS A 398 1.09 -27.84 -1.33
C CYS A 398 1.25 -26.72 -2.37
N PHE A 399 0.58 -26.85 -3.51
CA PHE A 399 0.74 -25.85 -4.56
C PHE A 399 0.18 -24.49 -4.15
N SER A 400 -0.93 -24.49 -3.40
CA SER A 400 -1.56 -23.23 -3.01
C SER A 400 -0.62 -22.38 -2.17
N VAL A 401 0.00 -22.97 -1.16
CA VAL A 401 0.93 -22.22 -0.32
C VAL A 401 2.12 -21.75 -1.12
N SER A 402 2.74 -22.68 -1.89
CA SER A 402 3.90 -22.32 -2.69
C SER A 402 3.56 -21.25 -3.71
N LEU A 403 2.41 -21.37 -4.38
CA LEU A 403 2.00 -20.34 -5.33
C LEU A 403 1.83 -18.99 -4.65
N SER A 404 1.11 -18.96 -3.53
CA SER A 404 0.93 -17.70 -2.80
C SER A 404 2.27 -17.15 -2.31
N ALA A 405 3.19 -18.04 -1.93
CA ALA A 405 4.51 -17.59 -1.47
C ALA A 405 5.33 -17.03 -2.61
N THR A 406 5.19 -17.62 -3.80
CA THR A 406 5.95 -17.16 -4.96
C THR A 406 5.46 -15.80 -5.43
N VAL A 407 4.15 -15.57 -5.37
CA VAL A 407 3.58 -14.28 -5.74
C VAL A 407 4.12 -13.17 -4.83
N ALA A 408 4.20 -13.44 -3.53
CA ALA A 408 4.73 -12.44 -2.61
C ALA A 408 6.22 -12.20 -2.84
N LEU A 409 6.96 -13.25 -3.18
CA LEU A 409 8.38 -13.13 -3.44
C LEU A 409 8.66 -12.54 -4.83
N GLY A 410 7.87 -12.91 -5.82
CA GLY A 410 8.09 -12.42 -7.17
C GLY A 410 7.72 -10.95 -7.33
N CYS A 411 6.51 -10.58 -6.92
CA CYS A 411 6.03 -9.24 -7.23
C CYS A 411 6.68 -8.18 -6.34
N MET A 412 7.14 -8.55 -5.15
CA MET A 412 7.64 -7.54 -4.21
C MET A 412 9.15 -7.48 -4.16
N PHE A 413 9.82 -8.63 -4.08
CA PHE A 413 11.26 -8.60 -3.82
C PHE A 413 12.08 -8.71 -5.09
N VAL A 414 11.56 -9.38 -6.12
CA VAL A 414 12.32 -9.47 -7.38
C VAL A 414 12.54 -8.10 -8.00
N PRO A 415 11.55 -7.21 -8.10
CA PRO A 415 11.85 -5.86 -8.64
C PRO A 415 12.94 -5.12 -7.88
N LYS A 416 13.14 -5.42 -6.59
CA LYS A 416 14.16 -4.71 -5.82
C LYS A 416 15.53 -5.36 -5.99
N VAL A 417 15.59 -6.69 -5.97
CA VAL A 417 16.85 -7.39 -6.23
C VAL A 417 17.33 -7.12 -7.65
N TYR A 418 16.40 -6.87 -8.57
CA TYR A 418 16.78 -6.50 -9.92
C TYR A 418 17.56 -5.20 -9.94
N ILE A 419 17.01 -4.15 -9.32
CA ILE A 419 17.69 -2.86 -9.28
C ILE A 419 19.03 -2.96 -8.55
N ILE A 420 19.13 -3.85 -7.56
CA ILE A 420 20.39 -3.99 -6.82
C ILE A 420 21.49 -4.55 -7.71
N LEU A 421 21.19 -5.65 -8.40
CA LEU A 421 22.20 -6.38 -9.17
C LEU A 421 22.30 -5.89 -10.61
N ALA A 422 21.19 -5.44 -11.20
CA ALA A 422 21.27 -5.11 -12.62
C ALA A 422 21.47 -3.62 -12.86
N LYS A 423 20.89 -2.75 -12.01
CA LYS A 423 20.94 -1.31 -12.17
C LYS A 423 21.53 -0.64 -10.93
N PRO A 424 22.81 -0.88 -10.62
CA PRO A 424 23.41 -0.21 -9.45
C PRO A 424 23.51 1.31 -9.59
N GLU A 425 23.32 1.86 -10.79
N GLU A 425 23.33 1.86 -10.80
CA GLU A 425 23.35 3.32 -10.94
CA GLU A 425 23.35 3.31 -10.96
C GLU A 425 22.03 3.96 -10.54
C GLU A 425 22.03 3.95 -10.54
N ARG A 426 20.91 3.25 -10.72
CA ARG A 426 19.63 3.79 -10.30
C ARG A 426 19.43 3.68 -8.79
N ASN A 427 20.22 2.85 -8.12
CA ASN A 427 20.18 2.67 -6.67
C ASN A 427 20.78 3.91 -6.02
N VAL A 428 19.99 4.99 -6.01
CA VAL A 428 20.42 6.27 -5.47
C VAL A 428 19.20 7.01 -4.95
N ARG A 429 19.38 7.74 -3.85
CA ARG A 429 18.28 8.47 -3.23
C ARG A 429 17.90 9.70 -4.05
#